data_7U02
#
_entry.id   7U02
#
_cell.length_a   87.400
_cell.length_b   87.400
_cell.length_c   139.600
_cell.angle_alpha   90.000
_cell.angle_beta   90.000
_cell.angle_gamma   120.000
#
_symmetry.space_group_name_H-M   'P 31 2 1'
#
loop_
_entity.id
_entity.type
_entity.pdbx_description
1 polymer 'WYL domain-containing protein'
2 polymer "DNA (5'-D(P*AP*CP*G)-3')"
3 non-polymer 'SULFATE ION'
4 water water
#
loop_
_entity_poly.entity_id
_entity_poly.type
_entity_poly.pdbx_seq_one_letter_code
_entity_poly.pdbx_strand_id
1 'polypeptide(L)'
;METIAVHAGPRPYEDQAVLGAIRAAIKGLQALSFRYEGGSTPGRTREVTPLGVLFGRSNYLVALEGKGGKPRSWRLDRMS
DLKVLDKPAPPPQDFSLQAFADESFGIYHDEIQDVVLRIHKSRAEDALRWRFHATQQVTPEADGSVLVTFRAGGMRELSW
HLFTWGDAVEIVAPQVLKDMMVQELREAGRAHGAW
;
B,M
2 'polydeoxyribonucleotide' (DA)(DC)(DG) H
#
loop_
_chem_comp.id
_chem_comp.type
_chem_comp.name
_chem_comp.formula
DA DNA linking 2'-DEOXYADENOSINE-5'-MONOPHOSPHATE 'C10 H14 N5 O6 P'
DC DNA linking 2'-DEOXYCYTIDINE-5'-MONOPHOSPHATE 'C9 H14 N3 O7 P'
DG DNA linking 2'-DEOXYGUANOSINE-5'-MONOPHOSPHATE 'C10 H14 N5 O7 P'
SO4 non-polymer 'SULFATE ION' 'O4 S -2'
#
# COMPACT_ATOMS: atom_id res chain seq x y z
N THR A 3 -11.09 14.14 4.27
CA THR A 3 -11.98 13.40 3.39
C THR A 3 -12.67 12.22 4.08
N ILE A 4 -13.42 11.46 3.27
CA ILE A 4 -14.25 10.34 3.71
C ILE A 4 -13.55 9.03 3.36
N ALA A 5 -12.26 9.10 3.08
CA ALA A 5 -11.47 7.95 2.69
C ALA A 5 -10.46 7.69 3.79
N VAL A 6 -10.18 6.41 4.04
CA VAL A 6 -9.10 6.04 4.95
C VAL A 6 -8.20 5.02 4.29
N HIS A 7 -6.89 5.16 4.52
CA HIS A 7 -5.89 4.26 3.96
C HIS A 7 -5.78 3.03 4.86
N ALA A 8 -6.14 1.87 4.31
CA ALA A 8 -6.14 0.66 5.10
C ALA A 8 -4.72 0.06 5.11
N GLY A 9 -4.48 -0.86 6.05
CA GLY A 9 -3.24 -1.60 6.07
C GLY A 9 -2.09 -1.00 6.87
N PRO A 10 -0.97 -1.71 6.95
CA PRO A 10 0.15 -1.20 7.74
C PRO A 10 0.80 -0.02 7.06
N ARG A 11 1.45 0.80 7.86
CA ARG A 11 2.08 2.03 7.39
C ARG A 11 3.05 2.51 8.47
N PRO A 12 3.97 3.41 8.12
CA PRO A 12 4.83 4.02 9.16
C PRO A 12 4.05 4.91 10.09
N TYR A 13 4.59 5.11 11.29
CA TYR A 13 3.97 6.02 12.22
C TYR A 13 4.18 7.46 11.78
N GLU A 14 3.30 8.32 12.24
CA GLU A 14 3.15 9.67 11.73
C GLU A 14 3.56 10.69 12.78
N ASP A 15 4.24 11.74 12.32
CA ASP A 15 4.45 12.97 13.11
C ASP A 15 3.78 14.09 12.33
N GLN A 16 2.46 14.25 12.53
CA GLN A 16 1.72 15.21 11.70
C GLN A 16 2.09 16.65 12.04
N ALA A 17 2.76 16.88 13.16
CA ALA A 17 3.38 18.18 13.40
C ALA A 17 4.29 18.57 12.23
N VAL A 18 5.28 17.74 11.92
CA VAL A 18 6.16 18.05 10.80
C VAL A 18 5.43 17.86 9.47
N LEU A 19 4.50 16.90 9.39
CA LEU A 19 3.82 16.67 8.12
C LEU A 19 2.80 17.76 7.81
N GLY A 20 2.32 18.46 8.84
CA GLY A 20 1.50 19.63 8.58
C GLY A 20 2.29 20.86 8.14
N ALA A 21 3.59 20.87 8.40
CA ALA A 21 4.42 22.01 8.03
C ALA A 21 4.75 22.03 6.54
N ILE A 22 4.78 20.86 5.90
CA ILE A 22 5.16 20.80 4.48
C ILE A 22 4.03 21.33 3.62
N ARG A 23 2.79 20.88 3.88
CA ARG A 23 1.65 21.38 3.13
C ARG A 23 1.41 22.87 3.36
N ALA A 24 2.00 23.44 4.41
CA ALA A 24 1.87 24.88 4.63
C ALA A 24 2.60 25.70 3.58
N ALA A 25 3.60 25.12 2.90
CA ALA A 25 4.29 25.86 1.85
C ALA A 25 4.00 25.38 0.43
N ILE A 26 3.34 24.23 0.24
CA ILE A 26 2.90 23.96 -1.13
C ILE A 26 1.55 24.62 -1.40
N LYS A 27 0.71 24.83 -0.39
CA LYS A 27 -0.50 25.59 -0.63
C LYS A 27 -0.26 27.10 -0.56
N GLY A 28 0.90 27.54 -0.08
CA GLY A 28 1.31 28.92 -0.22
C GLY A 28 2.38 29.16 -1.29
N LEU A 29 2.79 28.08 -1.98
CA LEU A 29 3.85 28.15 -3.00
C LEU A 29 5.11 28.82 -2.44
N GLN A 30 5.36 28.58 -1.15
CA GLN A 30 6.55 29.03 -0.45
C GLN A 30 7.55 27.87 -0.38
N ALA A 31 8.70 28.11 0.27
CA ALA A 31 9.74 27.11 0.44
C ALA A 31 9.89 26.73 1.91
N LEU A 32 10.66 25.65 2.17
CA LEU A 32 10.90 25.11 3.51
C LEU A 32 12.39 24.91 3.75
N SER A 33 12.75 24.46 4.96
CA SER A 33 14.14 24.17 5.28
C SER A 33 14.24 23.38 6.58
N PHE A 34 15.17 22.42 6.62
CA PHE A 34 15.24 21.37 7.64
C PHE A 34 16.68 21.12 8.04
N ARG A 35 16.92 20.01 8.74
CA ARG A 35 18.25 19.45 8.94
C ARG A 35 18.19 17.98 8.57
N TYR A 36 18.94 17.59 7.54
CA TYR A 36 18.95 16.20 7.11
C TYR A 36 19.83 15.36 8.04
N GLU A 37 19.59 14.05 8.02
CA GLU A 37 20.35 13.06 8.77
C GLU A 37 20.75 11.91 7.85
N GLY A 38 21.32 12.28 6.70
CA GLY A 38 21.71 11.31 5.72
C GLY A 38 22.26 12.00 4.50
N GLY A 39 22.34 11.25 3.39
CA GLY A 39 22.81 11.84 2.15
C GLY A 39 24.31 12.12 2.16
N SER A 40 24.75 12.83 1.13
CA SER A 40 26.18 13.07 0.92
C SER A 40 26.75 14.05 1.94
N THR A 41 25.92 14.93 2.50
CA THR A 41 26.31 15.82 3.58
C THR A 41 25.62 15.34 4.86
N PRO A 42 26.36 15.00 5.91
CA PRO A 42 25.75 14.28 7.03
C PRO A 42 24.61 15.02 7.72
N GLY A 43 24.89 16.21 8.26
CA GLY A 43 23.94 16.83 9.18
C GLY A 43 23.75 18.33 9.11
N ARG A 44 23.87 18.93 7.93
CA ARG A 44 23.72 20.38 7.80
C ARG A 44 22.25 20.78 7.86
N THR A 45 21.98 22.07 7.68
CA THR A 45 20.64 22.61 7.55
C THR A 45 20.49 23.21 6.15
N ARG A 46 19.40 22.86 5.46
CA ARG A 46 19.34 23.01 4.00
C ARG A 46 17.96 23.52 3.57
N GLU A 47 17.92 24.19 2.40
CA GLU A 47 16.73 24.88 1.91
C GLU A 47 16.25 24.26 0.60
N VAL A 48 14.95 24.29 0.38
CA VAL A 48 14.37 23.33 -0.55
C VAL A 48 13.00 23.77 -1.07
N THR A 49 12.70 23.46 -2.36
CA THR A 49 11.38 23.80 -2.93
C THR A 49 10.46 22.59 -2.90
N PRO A 50 9.32 22.64 -2.25
CA PRO A 50 8.50 21.44 -2.08
C PRO A 50 7.60 21.20 -3.27
N LEU A 51 7.36 19.94 -3.53
CA LEU A 51 6.51 19.53 -4.63
C LEU A 51 5.47 18.48 -4.25
N GLY A 52 5.81 17.53 -3.38
CA GLY A 52 4.86 16.53 -2.94
C GLY A 52 5.48 15.53 -1.98
N VAL A 53 4.59 14.73 -1.38
CA VAL A 53 4.95 13.63 -0.48
C VAL A 53 4.47 12.33 -1.12
N LEU A 54 5.25 11.25 -0.94
CA LEU A 54 4.85 9.92 -1.43
C LEU A 54 4.81 8.97 -0.25
N PHE A 55 3.62 8.58 0.18
CA PHE A 55 3.52 7.61 1.27
C PHE A 55 3.86 6.22 0.78
N GLY A 56 4.71 5.53 1.52
CA GLY A 56 5.08 4.17 1.23
C GLY A 56 5.47 3.50 2.53
N ARG A 57 6.24 2.41 2.44
CA ARG A 57 6.79 1.89 3.67
C ARG A 57 7.87 2.81 4.23
N SER A 58 8.28 3.81 3.45
CA SER A 58 9.05 4.96 3.89
C SER A 58 8.38 6.18 3.29
N ASN A 59 8.18 7.23 4.07
CA ASN A 59 7.54 8.46 3.59
C ASN A 59 8.61 9.44 3.11
N TYR A 60 8.49 9.89 1.85
CA TYR A 60 9.45 10.75 1.19
C TYR A 60 8.89 12.17 1.00
N LEU A 61 9.65 13.03 0.31
CA LEU A 61 9.29 14.43 0.08
C LEU A 61 10.03 14.90 -1.18
N VAL A 62 9.31 15.08 -2.30
CA VAL A 62 9.94 15.51 -3.54
C VAL A 62 10.25 16.99 -3.46
N ALA A 63 11.47 17.37 -3.85
CA ALA A 63 11.89 18.76 -3.70
C ALA A 63 13.25 19.02 -4.34
N LEU A 64 13.46 20.24 -4.82
CA LEU A 64 14.73 20.72 -5.34
C LEU A 64 15.32 21.76 -4.38
N GLU A 65 16.64 21.89 -4.38
CA GLU A 65 17.32 22.77 -3.44
C GLU A 65 17.64 24.13 -4.07
N GLY A 66 17.19 25.21 -3.41
CA GLY A 66 17.60 26.57 -3.70
C GLY A 66 17.52 27.02 -5.16
N LYS A 67 18.68 27.25 -5.77
CA LYS A 67 18.76 27.66 -7.17
C LYS A 67 18.92 26.42 -8.04
N GLY A 68 17.95 26.20 -8.93
CA GLY A 68 17.99 25.02 -9.79
C GLY A 68 17.48 23.79 -9.07
N GLY A 69 18.25 22.71 -9.11
CA GLY A 69 17.95 21.51 -8.35
C GLY A 69 17.89 20.27 -9.22
N LYS A 70 17.44 19.17 -8.59
CA LYS A 70 17.39 17.82 -9.12
C LYS A 70 16.23 17.13 -8.41
N PRO A 71 15.28 16.51 -9.14
CA PRO A 71 14.14 15.91 -8.45
C PRO A 71 14.54 14.69 -7.66
N ARG A 72 14.69 14.92 -6.35
CA ARG A 72 15.05 13.88 -5.39
C ARG A 72 14.21 14.08 -4.14
N SER A 73 13.94 12.97 -3.46
CA SER A 73 13.00 12.96 -2.35
C SER A 73 13.72 12.61 -1.06
N TRP A 74 13.49 13.40 -0.03
CA TRP A 74 14.14 13.22 1.25
C TRP A 74 13.27 12.37 2.17
N ARG A 75 13.90 11.47 2.90
CA ARG A 75 13.17 10.65 3.88
C ARG A 75 12.68 11.52 5.03
N LEU A 76 11.43 11.31 5.43
CA LEU A 76 10.93 12.11 6.54
C LEU A 76 11.34 11.55 7.89
N ASP A 77 11.86 10.32 7.95
CA ASP A 77 12.41 9.88 9.24
C ASP A 77 13.73 10.60 9.53
N ARG A 78 14.56 10.82 8.50
CA ARG A 78 15.85 11.50 8.67
C ARG A 78 15.73 13.00 8.38
N MET A 79 14.83 13.66 9.10
CA MET A 79 14.58 15.09 8.93
C MET A 79 14.54 15.77 10.29
N SER A 80 14.85 17.08 10.31
CA SER A 80 14.94 17.82 11.56
C SER A 80 14.46 19.25 11.39
N ASP A 81 13.29 19.56 11.98
CA ASP A 81 12.81 20.91 12.33
C ASP A 81 12.62 21.91 11.18
N LEU A 82 11.53 21.73 10.43
CA LEU A 82 11.16 22.59 9.31
C LEU A 82 10.33 23.80 9.71
N LYS A 83 10.44 24.87 8.90
CA LYS A 83 9.60 26.05 9.04
C LYS A 83 9.15 26.56 7.68
N VAL A 84 7.91 27.00 7.60
CA VAL A 84 7.33 27.50 6.36
C VAL A 84 8.03 28.80 6.04
N LEU A 85 8.95 28.77 5.07
CA LEU A 85 9.75 29.98 4.92
C LEU A 85 8.83 31.14 4.64
N ASP A 86 9.20 32.37 5.05
CA ASP A 86 8.26 33.36 4.61
C ASP A 86 8.24 33.46 3.00
N LYS A 87 9.11 32.70 2.38
CA LYS A 87 9.68 32.95 1.08
C LYS A 87 9.03 32.18 -0.07
N PRO A 88 8.68 32.82 -1.19
CA PRO A 88 7.98 32.04 -2.24
C PRO A 88 8.88 31.08 -3.03
N ALA A 89 8.23 30.08 -3.61
CA ALA A 89 8.86 29.03 -4.36
C ALA A 89 7.82 28.28 -5.19
N PRO A 90 7.42 28.80 -6.35
CA PRO A 90 6.35 28.18 -7.11
C PRO A 90 6.77 26.83 -7.66
N PRO A 91 5.83 25.93 -7.92
CA PRO A 91 6.19 24.62 -8.45
C PRO A 91 6.45 24.70 -9.95
N PRO A 92 7.42 23.93 -10.45
CA PRO A 92 7.54 23.76 -11.90
C PRO A 92 6.20 23.34 -12.49
N GLN A 93 5.83 23.96 -13.61
CA GLN A 93 4.49 23.78 -14.15
C GLN A 93 4.19 22.32 -14.47
N ASP A 94 4.99 21.72 -15.34
CA ASP A 94 4.68 20.39 -15.84
C ASP A 94 5.02 19.30 -14.84
N PHE A 95 5.23 19.65 -13.57
CA PHE A 95 5.54 18.67 -12.54
C PHE A 95 4.26 17.96 -12.12
N SER A 96 4.07 16.73 -12.60
CA SER A 96 3.13 15.82 -11.99
C SER A 96 3.83 15.12 -10.83
N LEU A 97 3.11 14.93 -9.73
CA LEU A 97 3.69 14.15 -8.66
C LEU A 97 3.63 12.65 -8.97
N GLN A 98 2.57 12.20 -9.68
CA GLN A 98 2.62 10.82 -10.17
C GLN A 98 3.85 10.61 -11.05
N ALA A 99 4.23 11.65 -11.82
CA ALA A 99 5.39 11.56 -12.70
C ALA A 99 6.64 11.10 -11.97
N PHE A 100 6.90 11.66 -10.78
CA PHE A 100 7.98 11.10 -9.97
C PHE A 100 7.72 9.63 -9.69
N ALA A 101 6.50 9.30 -9.27
CA ALA A 101 6.23 7.98 -8.69
C ALA A 101 6.39 6.83 -9.69
N ASP A 102 6.33 7.07 -11.01
CA ASP A 102 6.37 5.93 -11.93
C ASP A 102 7.72 5.73 -12.61
N GLU A 103 8.61 6.73 -12.66
CA GLU A 103 9.87 6.32 -13.32
C GLU A 103 10.79 5.39 -12.44
N SER A 104 10.18 4.84 -11.39
CA SER A 104 10.64 3.68 -10.63
C SER A 104 9.43 3.01 -10.00
N PHE A 105 9.65 2.36 -8.86
CA PHE A 105 8.70 1.49 -8.17
C PHE A 105 8.63 1.96 -6.71
N GLY A 106 8.32 1.06 -5.78
CA GLY A 106 8.46 1.42 -4.38
C GLY A 106 9.90 1.70 -3.94
N ILE A 107 10.86 1.73 -4.88
CA ILE A 107 12.21 2.21 -4.63
C ILE A 107 12.43 3.42 -5.53
N TYR A 108 13.43 4.23 -5.21
CA TYR A 108 13.86 5.21 -6.18
C TYR A 108 15.34 5.17 -6.47
N HIS A 109 15.61 5.25 -7.77
CA HIS A 109 16.90 5.27 -8.48
C HIS A 109 17.59 3.93 -8.54
N ASP A 110 17.10 2.90 -7.84
CA ASP A 110 17.68 1.57 -8.01
C ASP A 110 17.46 1.16 -9.46
N GLU A 111 18.54 0.90 -10.17
CA GLU A 111 18.51 1.14 -11.61
C GLU A 111 17.52 0.23 -12.31
N ILE A 112 16.95 0.76 -13.39
CA ILE A 112 15.71 0.24 -13.97
C ILE A 112 15.97 -1.04 -14.76
N GLN A 113 15.02 -1.98 -14.67
CA GLN A 113 15.16 -3.32 -15.23
C GLN A 113 14.03 -3.63 -16.20
N ASP A 114 14.29 -4.52 -17.16
CA ASP A 114 13.24 -5.01 -18.07
C ASP A 114 12.63 -6.27 -17.43
N VAL A 115 11.45 -6.13 -16.80
CA VAL A 115 10.83 -7.21 -16.05
C VAL A 115 9.97 -8.08 -16.98
N VAL A 116 10.02 -9.39 -16.80
CA VAL A 116 9.20 -10.31 -17.60
C VAL A 116 8.59 -11.32 -16.66
N LEU A 117 7.27 -11.34 -16.55
CA LEU A 117 6.55 -12.28 -15.69
C LEU A 117 5.55 -13.09 -16.49
N ARG A 118 5.39 -14.36 -16.11
CA ARG A 118 4.39 -15.24 -16.69
C ARG A 118 3.41 -15.62 -15.59
N ILE A 119 2.18 -15.15 -15.71
CA ILE A 119 1.15 -15.42 -14.73
C ILE A 119 0.23 -16.48 -15.29
N HIS A 120 0.13 -17.61 -14.59
CA HIS A 120 -0.62 -18.75 -15.08
C HIS A 120 -2.10 -18.38 -15.27
N LYS A 121 -2.84 -19.29 -15.91
CA LYS A 121 -4.26 -19.10 -16.16
C LYS A 121 -4.99 -18.62 -14.91
N SER A 122 -4.75 -19.32 -13.78
CA SER A 122 -5.57 -19.18 -12.59
C SER A 122 -5.84 -17.72 -12.25
N ARG A 123 -4.80 -16.88 -12.32
CA ARG A 123 -4.93 -15.46 -12.04
C ARG A 123 -4.60 -14.63 -13.28
N ALA A 124 -4.82 -15.20 -14.47
CA ALA A 124 -4.65 -14.45 -15.71
C ALA A 124 -5.62 -13.28 -15.77
N GLU A 125 -6.92 -13.53 -15.57
CA GLU A 125 -7.86 -12.42 -15.48
C GLU A 125 -7.44 -11.45 -14.38
N ASP A 126 -6.91 -11.98 -13.28
CA ASP A 126 -6.39 -11.08 -12.25
C ASP A 126 -5.18 -10.31 -12.74
N ALA A 127 -4.42 -10.89 -13.68
CA ALA A 127 -3.25 -10.18 -14.19
C ALA A 127 -3.66 -8.98 -15.03
N LEU A 128 -4.58 -9.19 -15.98
CA LEU A 128 -5.08 -8.11 -16.83
C LEU A 128 -5.52 -6.89 -16.04
N ARG A 129 -6.32 -7.10 -14.93
CA ARG A 129 -6.83 -6.04 -14.02
C ARG A 129 -5.72 -5.30 -13.32
N TRP A 130 -4.61 -5.97 -13.02
CA TRP A 130 -3.64 -5.42 -12.09
C TRP A 130 -2.67 -4.55 -12.85
N ARG A 131 -2.32 -3.41 -12.25
CA ARG A 131 -1.36 -2.46 -12.83
C ARG A 131 -0.03 -2.61 -12.09
N PHE A 132 0.91 -3.36 -12.68
CA PHE A 132 2.23 -3.50 -12.06
C PHE A 132 3.04 -2.23 -12.20
N HIS A 133 2.91 -1.58 -13.35
CA HIS A 133 3.63 -0.34 -13.61
C HIS A 133 2.87 0.33 -14.74
N ALA A 134 2.98 1.66 -14.81
CA ALA A 134 2.26 2.42 -15.82
C ALA A 134 2.56 1.87 -17.21
N THR A 135 3.83 1.86 -17.59
CA THR A 135 4.28 1.37 -18.89
C THR A 135 4.37 -0.17 -18.83
N GLN A 136 3.21 -0.83 -18.89
CA GLN A 136 3.17 -2.28 -18.93
C GLN A 136 2.47 -2.76 -20.20
N GLN A 137 2.71 -4.03 -20.53
CA GLN A 137 2.11 -4.68 -21.68
C GLN A 137 1.88 -6.13 -21.32
N VAL A 138 0.64 -6.58 -21.49
CA VAL A 138 0.24 -7.94 -21.18
C VAL A 138 0.02 -8.67 -22.51
N THR A 139 0.50 -9.91 -22.58
CA THR A 139 0.44 -10.69 -23.80
C THR A 139 -0.17 -12.04 -23.49
N PRO A 140 -1.29 -12.40 -24.11
CA PRO A 140 -1.86 -13.73 -23.91
C PRO A 140 -0.95 -14.79 -24.53
N GLU A 141 -0.98 -15.98 -23.92
CA GLU A 141 -0.22 -17.11 -24.40
C GLU A 141 -1.17 -18.25 -24.73
N ALA A 142 -0.67 -19.23 -25.49
CA ALA A 142 -1.52 -20.31 -25.98
C ALA A 142 -2.04 -21.18 -24.85
N ASP A 143 -1.34 -21.27 -23.73
CA ASP A 143 -1.80 -22.11 -22.63
C ASP A 143 -2.67 -21.35 -21.64
N GLY A 144 -3.27 -20.24 -22.05
CA GLY A 144 -4.07 -19.45 -21.15
C GLY A 144 -3.27 -18.65 -20.12
N SER A 145 -2.03 -19.05 -19.83
CA SER A 145 -1.15 -18.18 -19.06
C SER A 145 -1.04 -16.83 -19.77
N VAL A 146 -0.59 -15.81 -19.05
CA VAL A 146 -0.38 -14.50 -19.68
C VAL A 146 1.01 -13.98 -19.33
N LEU A 147 1.64 -13.30 -20.30
CA LEU A 147 2.99 -12.76 -20.16
C LEU A 147 2.91 -11.26 -19.89
N VAL A 148 3.52 -10.83 -18.79
CA VAL A 148 3.47 -9.46 -18.31
C VAL A 148 4.88 -8.91 -18.37
N THR A 149 5.07 -7.86 -19.15
CA THR A 149 6.39 -7.28 -19.23
C THR A 149 6.31 -5.79 -19.00
N PHE A 150 7.30 -5.26 -18.27
CA PHE A 150 7.33 -3.83 -18.03
C PHE A 150 8.72 -3.43 -17.54
N ARG A 151 9.01 -2.14 -17.68
CA ARG A 151 10.33 -1.58 -17.41
C ARG A 151 10.23 -0.73 -16.15
N ALA A 152 10.90 -1.16 -15.09
CA ALA A 152 10.71 -0.51 -13.80
C ALA A 152 11.89 -0.79 -12.87
N GLY A 153 11.92 -0.02 -11.79
CA GLY A 153 12.85 -0.23 -10.70
C GLY A 153 12.11 -0.93 -9.59
N GLY A 154 12.65 -0.82 -8.38
CA GLY A 154 11.99 -1.39 -7.22
C GLY A 154 11.83 -2.89 -7.26
N MET A 155 12.95 -3.58 -7.48
CA MET A 155 12.90 -5.04 -7.51
C MET A 155 12.50 -5.63 -6.17
N ARG A 156 12.98 -5.05 -5.06
CA ARG A 156 12.63 -5.63 -3.75
C ARG A 156 11.12 -5.57 -3.51
N GLU A 157 10.52 -4.38 -3.68
CA GLU A 157 9.08 -4.24 -3.47
C GLU A 157 8.34 -5.15 -4.41
N LEU A 158 8.78 -5.16 -5.67
CA LEU A 158 8.20 -6.06 -6.64
C LEU A 158 8.19 -7.48 -6.10
N SER A 159 9.33 -7.91 -5.53
CA SER A 159 9.40 -9.29 -5.08
C SER A 159 8.45 -9.55 -3.92
N TRP A 160 8.36 -8.60 -2.98
CA TRP A 160 7.33 -8.68 -1.93
C TRP A 160 5.95 -8.83 -2.52
N HIS A 161 5.65 -8.10 -3.59
CA HIS A 161 4.31 -8.15 -4.12
C HIS A 161 4.08 -9.45 -4.87
N LEU A 162 5.11 -9.94 -5.59
CA LEU A 162 4.97 -11.22 -6.29
C LEU A 162 4.72 -12.34 -5.31
N PHE A 163 5.30 -12.29 -4.12
CA PHE A 163 5.02 -13.33 -3.12
C PHE A 163 3.52 -13.51 -2.92
N THR A 164 2.75 -12.41 -2.95
CA THR A 164 1.31 -12.54 -2.71
C THR A 164 0.61 -13.28 -3.82
N TRP A 165 1.17 -13.26 -5.03
CA TRP A 165 0.65 -14.09 -6.13
C TRP A 165 0.98 -15.56 -5.92
N GLY A 166 1.75 -15.89 -4.88
CA GLY A 166 2.06 -17.29 -4.64
C GLY A 166 2.79 -17.95 -5.79
N ASP A 167 2.22 -19.07 -6.25
CA ASP A 167 2.78 -19.90 -7.32
C ASP A 167 2.15 -19.62 -8.66
N ALA A 168 1.33 -18.57 -8.74
CA ALA A 168 0.80 -18.14 -10.02
C ALA A 168 1.84 -17.41 -10.87
N VAL A 169 2.93 -16.90 -10.28
CA VAL A 169 3.91 -16.19 -11.08
C VAL A 169 5.11 -17.09 -11.39
N GLU A 170 5.74 -16.77 -12.51
CA GLU A 170 6.97 -17.38 -12.96
C GLU A 170 7.83 -16.19 -13.36
N ILE A 171 8.92 -15.97 -12.63
CA ILE A 171 9.79 -14.84 -12.95
C ILE A 171 10.66 -15.20 -14.14
N VAL A 172 10.42 -14.55 -15.28
CA VAL A 172 11.23 -14.91 -16.43
C VAL A 172 12.49 -14.06 -16.49
N ALA A 173 12.38 -12.78 -16.15
CA ALA A 173 13.51 -11.86 -16.22
C ALA A 173 13.19 -10.67 -15.32
N PRO A 174 14.21 -10.04 -14.72
CA PRO A 174 15.66 -10.23 -14.81
C PRO A 174 16.23 -11.13 -13.71
N GLN A 175 17.49 -11.58 -13.88
CA GLN A 175 18.12 -12.52 -12.94
C GLN A 175 18.17 -11.95 -11.53
N VAL A 176 18.49 -10.66 -11.40
CA VAL A 176 18.51 -10.06 -10.07
C VAL A 176 17.16 -10.26 -9.36
N LEU A 177 16.04 -10.34 -10.10
CA LEU A 177 14.74 -10.54 -9.45
C LEU A 177 14.56 -11.97 -8.97
N LYS A 178 14.91 -12.93 -9.83
CA LYS A 178 14.94 -14.34 -9.40
C LYS A 178 15.76 -14.48 -8.14
N ASP A 179 16.99 -13.93 -8.14
CA ASP A 179 17.86 -14.07 -6.96
C ASP A 179 17.26 -13.36 -5.75
N MET A 180 16.67 -12.17 -5.99
CA MET A 180 15.96 -11.43 -4.96
C MET A 180 14.94 -12.32 -4.30
N MET A 181 14.09 -12.97 -5.11
CA MET A 181 12.98 -13.76 -4.57
C MET A 181 13.47 -14.98 -3.81
N VAL A 182 14.34 -15.76 -4.44
CA VAL A 182 14.87 -16.99 -3.83
C VAL A 182 15.49 -16.69 -2.48
N GLN A 183 16.35 -15.66 -2.43
CA GLN A 183 17.00 -15.32 -1.16
C GLN A 183 15.98 -14.97 -0.10
N GLU A 184 15.00 -14.14 -0.46
CA GLU A 184 13.95 -13.76 0.47
C GLU A 184 13.14 -14.97 0.92
N LEU A 185 12.85 -15.90 0.00
CA LEU A 185 12.08 -17.09 0.42
C LEU A 185 12.93 -17.95 1.35
N ARG A 186 14.23 -18.07 1.08
CA ARG A 186 15.08 -18.86 1.96
C ARG A 186 15.15 -18.23 3.35
N GLU A 187 15.30 -16.90 3.40
CA GLU A 187 15.36 -16.25 4.70
C GLU A 187 14.08 -16.47 5.49
N ALA A 188 12.92 -16.11 4.92
CA ALA A 188 11.67 -16.27 5.65
C ALA A 188 11.35 -17.73 5.92
N GLY A 189 11.66 -18.61 4.96
CA GLY A 189 11.31 -20.02 5.13
C GLY A 189 12.03 -20.67 6.31
N ARG A 190 13.26 -20.27 6.57
CA ARG A 190 13.95 -20.78 7.75
C ARG A 190 13.28 -20.28 9.02
N ALA A 191 13.06 -18.96 9.12
CA ALA A 191 12.63 -18.40 10.40
C ALA A 191 11.27 -18.94 10.82
N HIS A 192 10.37 -19.16 9.87
CA HIS A 192 9.04 -19.62 10.20
C HIS A 192 8.94 -21.13 10.08
N GLY A 193 10.05 -21.78 9.71
CA GLY A 193 10.14 -23.23 9.71
C GLY A 193 9.47 -23.89 8.52
N ALA A 194 9.55 -23.27 7.35
CA ALA A 194 8.86 -23.84 6.20
C ALA A 194 9.59 -25.06 5.66
N TRP A 195 10.89 -25.15 5.92
CA TRP A 195 11.67 -26.30 5.51
C TRP A 195 13.02 -26.34 6.23
N ILE C 4 -1.67 16.47 -1.47
CA ILE C 4 -0.95 16.03 -2.64
C ILE C 4 0.01 14.90 -2.29
N ALA C 5 -0.48 13.65 -2.11
CA ALA C 5 0.42 12.55 -1.71
C ALA C 5 -0.18 11.19 -2.08
N VAL C 6 0.14 10.71 -3.29
CA VAL C 6 -0.30 9.38 -3.71
C VAL C 6 0.82 8.38 -3.48
N HIS C 7 0.45 7.12 -3.28
CA HIS C 7 1.42 6.11 -2.88
C HIS C 7 1.90 5.34 -4.11
N ALA C 8 3.21 5.25 -4.27
CA ALA C 8 3.77 4.57 -5.45
C ALA C 8 3.65 3.06 -5.29
N GLY C 9 4.11 2.34 -6.32
CA GLY C 9 4.09 0.89 -6.32
C GLY C 9 3.04 0.30 -7.24
N PRO C 10 2.74 -1.00 -7.03
CA PRO C 10 1.71 -1.70 -7.84
C PRO C 10 0.29 -1.38 -7.37
N ARG C 11 -0.11 -0.12 -7.55
CA ARG C 11 -1.48 0.30 -7.25
C ARG C 11 -2.40 -0.04 -8.41
N PRO C 12 -3.55 -0.67 -8.15
CA PRO C 12 -4.43 -1.10 -9.26
C PRO C 12 -4.88 0.06 -10.12
N TYR C 13 -5.21 -0.26 -11.37
CA TYR C 13 -5.77 0.74 -12.27
C TYR C 13 -7.06 1.28 -11.68
N GLU C 14 -7.03 2.51 -11.18
CA GLU C 14 -8.20 3.08 -10.54
C GLU C 14 -8.78 4.21 -11.38
N ASP C 15 -10.04 4.52 -11.09
CA ASP C 15 -10.83 5.47 -11.86
C ASP C 15 -11.35 6.54 -10.92
N GLN C 16 -11.10 7.81 -11.27
CA GLN C 16 -11.67 8.88 -10.47
C GLN C 16 -13.08 9.25 -10.90
N ALA C 17 -13.49 8.87 -12.12
CA ALA C 17 -14.85 9.15 -12.56
C ALA C 17 -15.88 8.50 -11.65
N VAL C 18 -15.56 7.36 -11.05
CA VAL C 18 -16.46 6.78 -10.07
C VAL C 18 -16.08 7.20 -8.65
N LEU C 19 -14.80 7.47 -8.39
CA LEU C 19 -14.43 7.95 -7.06
C LEU C 19 -15.06 9.31 -6.78
N GLY C 20 -15.06 10.21 -7.77
CA GLY C 20 -15.76 11.48 -7.63
C GLY C 20 -17.26 11.33 -7.43
N ALA C 21 -17.88 10.36 -8.12
CA ALA C 21 -19.33 10.17 -8.01
C ALA C 21 -19.73 9.63 -6.65
N ILE C 22 -18.90 8.78 -6.02
CA ILE C 22 -19.18 8.29 -4.67
C ILE C 22 -19.06 9.43 -3.68
N ARG C 23 -18.06 10.29 -3.87
CA ARG C 23 -17.92 11.48 -3.05
C ARG C 23 -19.13 12.41 -3.22
N ALA C 24 -19.67 12.45 -4.44
CA ALA C 24 -20.85 13.29 -4.67
C ALA C 24 -22.06 12.76 -3.92
N ALA C 25 -22.25 11.44 -3.91
CA ALA C 25 -23.42 10.91 -3.22
C ALA C 25 -23.28 11.03 -1.71
N ILE C 26 -22.05 10.99 -1.19
CA ILE C 26 -21.85 11.03 0.25
C ILE C 26 -22.13 12.43 0.78
N LYS C 27 -21.52 13.42 0.16
CA LYS C 27 -21.61 14.78 0.66
C LYS C 27 -22.92 15.45 0.30
N GLY C 28 -23.60 14.93 -0.71
CA GLY C 28 -24.99 15.26 -0.95
C GLY C 28 -25.97 14.52 -0.07
N LEU C 29 -25.50 13.57 0.74
CA LEU C 29 -26.32 12.80 1.67
C LEU C 29 -27.44 12.06 0.94
N GLN C 30 -27.13 11.57 -0.27
CA GLN C 30 -28.09 10.85 -1.10
C GLN C 30 -27.57 9.48 -1.53
N ALA C 31 -28.50 8.65 -2.00
CA ALA C 31 -28.16 7.27 -2.32
C ALA C 31 -27.35 7.19 -3.60
N LEU C 32 -26.67 6.05 -3.77
CA LEU C 32 -25.82 5.80 -4.91
C LEU C 32 -26.07 4.36 -5.37
N SER C 33 -26.11 4.19 -6.68
CA SER C 33 -26.34 2.88 -7.26
C SER C 33 -25.34 2.65 -8.37
N PHE C 34 -25.11 1.37 -8.65
CA PHE C 34 -24.09 0.94 -9.59
C PHE C 34 -24.48 -0.47 -10.00
N ARG C 35 -23.98 -0.91 -11.14
CA ARG C 35 -24.01 -2.35 -11.33
C ARG C 35 -22.62 -2.90 -11.09
N TYR C 36 -22.58 -4.15 -10.69
CA TYR C 36 -21.37 -4.78 -10.16
C TYR C 36 -20.84 -5.78 -11.18
N GLU C 37 -19.58 -5.63 -11.57
CA GLU C 37 -18.93 -6.63 -12.41
C GLU C 37 -18.18 -7.62 -11.52
N GLY C 38 -18.96 -8.36 -10.73
CA GLY C 38 -18.42 -9.35 -9.82
C GLY C 38 -19.45 -9.71 -8.76
N GLY C 39 -18.94 -10.22 -7.64
CA GLY C 39 -19.78 -10.51 -6.50
C GLY C 39 -20.67 -11.73 -6.70
N SER C 40 -21.56 -11.94 -5.73
CA SER C 40 -22.41 -13.12 -5.73
C SER C 40 -23.39 -13.12 -6.90
N THR C 41 -23.78 -11.95 -7.37
CA THR C 41 -24.66 -11.82 -8.53
C THR C 41 -23.88 -11.13 -9.63
N PRO C 42 -23.77 -11.75 -10.81
CA PRO C 42 -22.75 -11.31 -11.79
C PRO C 42 -22.79 -9.85 -12.17
N GLY C 43 -23.92 -9.36 -12.69
CA GLY C 43 -23.94 -8.03 -13.25
C GLY C 43 -25.13 -7.15 -12.93
N ARG C 44 -25.65 -7.17 -11.71
CA ARG C 44 -26.90 -6.50 -11.43
C ARG C 44 -26.70 -5.13 -10.79
N THR C 45 -27.73 -4.28 -10.95
CA THR C 45 -27.78 -2.93 -10.39
C THR C 45 -28.12 -3.02 -8.91
N ARG C 46 -27.19 -2.59 -8.06
CA ARG C 46 -27.44 -2.47 -6.63
C ARG C 46 -27.52 -1.00 -6.26
N GLU C 47 -28.25 -0.70 -5.19
CA GLU C 47 -28.47 0.66 -4.73
C GLU C 47 -28.10 0.76 -3.26
N VAL C 48 -27.20 1.68 -2.93
CA VAL C 48 -26.59 1.67 -1.61
C VAL C 48 -26.55 3.08 -1.02
N THR C 49 -26.50 3.12 0.31
CA THR C 49 -26.05 4.31 1.03
C THR C 49 -24.53 4.30 1.07
N PRO C 50 -23.83 5.19 0.36
CA PRO C 50 -22.37 5.21 0.41
C PRO C 50 -21.85 5.84 1.69
N LEU C 51 -20.82 5.22 2.27
CA LEU C 51 -20.22 5.62 3.55
C LEU C 51 -18.78 6.10 3.44
N GLY C 52 -17.98 5.53 2.55
CA GLY C 52 -16.60 5.93 2.39
C GLY C 52 -15.87 4.92 1.51
N VAL C 53 -14.66 5.28 1.15
CA VAL C 53 -13.86 4.34 0.38
C VAL C 53 -12.57 3.97 1.15
N LEU C 54 -12.18 2.70 1.02
CA LEU C 54 -10.94 2.17 1.59
C LEU C 54 -9.84 2.21 0.54
N PHE C 55 -8.71 2.81 0.89
CA PHE C 55 -7.56 2.79 0.01
C PHE C 55 -6.60 1.69 0.45
N GLY C 56 -6.05 0.98 -0.53
CA GLY C 56 -5.07 -0.06 -0.26
C GLY C 56 -4.76 -0.93 -1.46
N ARG C 57 -4.70 -2.25 -1.23
CA ARG C 57 -4.37 -3.22 -2.26
C ARG C 57 -5.20 -3.05 -3.50
N SER C 58 -6.40 -2.52 -3.32
CA SER C 58 -7.21 -1.85 -4.34
C SER C 58 -8.10 -0.85 -3.61
N ASN C 59 -9.11 -0.31 -4.30
CA ASN C 59 -10.00 0.68 -3.70
C ASN C 59 -11.40 0.09 -3.59
N TYR C 60 -12.03 0.33 -2.43
CA TYR C 60 -13.26 -0.36 -2.04
C TYR C 60 -14.25 0.66 -1.49
N LEU C 61 -15.46 0.67 -2.04
CA LEU C 61 -16.54 1.48 -1.49
C LEU C 61 -17.14 0.75 -0.30
N VAL C 62 -17.20 1.43 0.83
CA VAL C 62 -17.92 0.92 2.00
C VAL C 62 -19.32 1.53 1.96
N ALA C 63 -20.36 0.68 2.02
CA ALA C 63 -21.72 1.13 1.76
C ALA C 63 -22.73 0.20 2.40
N LEU C 64 -23.91 0.74 2.67
CA LEU C 64 -25.09 -0.01 3.11
C LEU C 64 -26.01 -0.23 1.92
N GLU C 65 -26.34 -1.47 1.61
CA GLU C 65 -27.30 -1.77 0.55
C GLU C 65 -28.67 -1.98 1.16
N GLY C 66 -29.65 -1.24 0.66
CA GLY C 66 -31.01 -1.36 1.18
C GLY C 66 -31.07 -1.05 2.67
N LYS C 67 -32.24 -1.29 3.24
CA LYS C 67 -32.43 -1.06 4.66
C LYS C 67 -32.44 -2.39 5.41
N GLY C 68 -31.74 -2.40 6.56
CA GLY C 68 -31.48 -3.61 7.29
C GLY C 68 -30.26 -4.35 6.75
N GLY C 69 -29.11 -3.68 6.75
CA GLY C 69 -27.88 -4.31 6.32
C GLY C 69 -26.68 -3.80 7.10
N LYS C 70 -25.68 -4.65 7.21
CA LYS C 70 -24.41 -4.26 7.80
C LYS C 70 -23.53 -3.59 6.76
N PRO C 71 -22.54 -2.80 7.17
CA PRO C 71 -21.60 -2.23 6.20
C PRO C 71 -20.84 -3.34 5.46
N ARG C 72 -20.58 -3.12 4.18
CA ARG C 72 -19.89 -4.07 3.32
C ARG C 72 -19.00 -3.32 2.33
N SER C 73 -18.12 -4.08 1.65
CA SER C 73 -17.11 -3.51 0.76
C SER C 73 -17.27 -4.00 -0.67
N TRP C 74 -16.96 -3.11 -1.61
CA TRP C 74 -17.24 -3.27 -3.03
C TRP C 74 -16.01 -2.83 -3.80
N ARG C 75 -15.44 -3.71 -4.62
CA ARG C 75 -14.27 -3.27 -5.38
C ARG C 75 -14.71 -2.21 -6.39
N LEU C 76 -14.07 -1.03 -6.29
CA LEU C 76 -14.34 0.05 -7.22
C LEU C 76 -14.23 -0.41 -8.66
N ASP C 77 -13.11 -1.04 -9.00
CA ASP C 77 -12.86 -1.43 -10.39
C ASP C 77 -13.89 -2.44 -10.87
N ARG C 78 -14.81 -2.86 -10.00
CA ARG C 78 -15.83 -3.82 -10.37
C ARG C 78 -17.24 -3.24 -10.32
N MET C 79 -17.39 -1.95 -10.07
CA MET C 79 -18.68 -1.26 -10.16
C MET C 79 -18.79 -0.59 -11.52
N SER C 80 -19.96 -0.70 -12.13
CA SER C 80 -20.17 -0.11 -13.44
C SER C 80 -21.51 0.61 -13.48
N ASP C 81 -21.55 1.64 -14.32
CA ASP C 81 -22.78 2.39 -14.63
C ASP C 81 -23.42 2.96 -13.36
N LEU C 82 -22.68 3.85 -12.70
CA LEU C 82 -23.11 4.33 -11.40
C LEU C 82 -23.95 5.60 -11.55
N LYS C 83 -24.99 5.72 -10.73
CA LYS C 83 -25.85 6.90 -10.77
C LYS C 83 -26.11 7.41 -9.35
N VAL C 84 -26.01 8.72 -9.19
CA VAL C 84 -26.14 9.41 -7.91
C VAL C 84 -27.58 9.92 -7.81
N LEU C 85 -28.37 9.32 -6.92
CA LEU C 85 -29.81 9.57 -6.96
C LEU C 85 -30.25 10.65 -5.96
N ASP C 86 -31.54 10.98 -6.02
CA ASP C 86 -32.12 12.07 -5.23
C ASP C 86 -32.87 11.59 -3.99
N LYS C 87 -32.65 10.34 -3.57
CA LYS C 87 -33.29 9.84 -2.37
C LYS C 87 -32.44 10.19 -1.15
N PRO C 88 -33.02 10.45 0.03
CA PRO C 88 -32.18 10.65 1.22
C PRO C 88 -31.41 9.37 1.56
N ALA C 89 -30.11 9.51 1.77
CA ALA C 89 -29.29 8.42 2.27
C ALA C 89 -28.19 8.97 3.17
N PRO C 90 -28.55 9.42 4.37
CA PRO C 90 -27.55 9.83 5.35
C PRO C 90 -26.90 8.61 5.97
N PRO C 91 -25.73 8.74 6.57
CA PRO C 91 -25.09 7.63 7.24
C PRO C 91 -25.76 7.36 8.61
N PRO C 92 -25.66 6.14 9.12
CA PRO C 92 -25.98 5.92 10.54
C PRO C 92 -25.13 6.84 11.42
N GLN C 93 -25.72 7.29 12.52
CA GLN C 93 -25.01 8.23 13.37
C GLN C 93 -23.85 7.59 14.12
N ASP C 94 -23.84 6.26 14.20
CA ASP C 94 -22.87 5.49 14.95
C ASP C 94 -21.68 5.05 14.10
N PHE C 95 -21.85 5.05 12.78
CA PHE C 95 -20.83 4.48 11.93
C PHE C 95 -19.57 5.34 11.93
N SER C 96 -18.43 4.68 12.06
CA SER C 96 -17.11 5.26 11.86
C SER C 96 -16.40 4.41 10.81
N LEU C 97 -15.99 5.06 9.71
CA LEU C 97 -15.29 4.34 8.67
C LEU C 97 -13.96 3.78 9.21
N GLN C 98 -13.29 4.56 10.06
CA GLN C 98 -12.03 4.14 10.64
C GLN C 98 -12.19 2.89 11.46
N ALA C 99 -13.17 2.88 12.37
CA ALA C 99 -13.41 1.68 13.15
C ALA C 99 -13.74 0.51 12.24
N PHE C 100 -14.46 0.76 11.14
CA PHE C 100 -14.75 -0.32 10.20
C PHE C 100 -13.47 -0.90 9.64
N ALA C 101 -12.59 -0.04 9.13
CA ALA C 101 -11.35 -0.50 8.54
C ALA C 101 -10.45 -1.20 9.56
N ASP C 102 -10.50 -0.76 10.83
CA ASP C 102 -9.69 -1.36 11.87
C ASP C 102 -10.06 -2.80 12.16
N GLU C 103 -11.19 -3.29 11.66
CA GLU C 103 -11.58 -4.66 11.98
C GLU C 103 -10.77 -5.70 11.22
N SER C 104 -9.88 -5.30 10.33
CA SER C 104 -9.01 -6.29 9.74
C SER C 104 -7.68 -5.66 9.41
N PHE C 105 -6.62 -6.48 9.46
CA PHE C 105 -5.29 -6.01 9.14
C PHE C 105 -5.24 -5.44 7.72
N GLY C 106 -6.09 -5.94 6.83
CA GLY C 106 -6.18 -5.43 5.48
C GLY C 106 -7.60 -5.01 5.14
N ILE C 107 -8.12 -5.56 4.05
CA ILE C 107 -9.47 -5.31 3.59
C ILE C 107 -10.44 -6.40 4.04
N TYR C 108 -9.99 -7.66 4.08
CA TYR C 108 -10.89 -8.79 4.30
C TYR C 108 -11.34 -8.90 5.74
N HIS C 109 -12.67 -8.90 5.95
CA HIS C 109 -13.28 -8.90 7.27
C HIS C 109 -13.64 -10.34 7.66
N ASP C 110 -12.81 -10.98 8.47
CA ASP C 110 -13.09 -12.34 8.93
C ASP C 110 -12.86 -12.37 10.44
N GLU C 111 -12.77 -13.59 11.00
CA GLU C 111 -12.63 -13.75 12.44
C GLU C 111 -11.49 -12.90 12.98
N ILE C 112 -11.76 -12.18 14.06
CA ILE C 112 -10.79 -11.28 14.65
C ILE C 112 -9.88 -12.07 15.60
N GLN C 113 -8.57 -11.97 15.39
CA GLN C 113 -7.58 -12.73 16.12
C GLN C 113 -6.67 -11.83 16.94
N ASP C 114 -6.30 -12.31 18.14
CA ASP C 114 -5.23 -11.69 18.90
C ASP C 114 -3.92 -12.18 18.33
N VAL C 115 -3.35 -11.40 17.45
CA VAL C 115 -2.07 -11.76 16.89
C VAL C 115 -0.98 -11.26 17.84
N VAL C 116 0.10 -12.04 17.96
CA VAL C 116 1.22 -11.61 18.78
C VAL C 116 2.48 -11.98 18.04
N LEU C 117 3.33 -10.98 17.79
CA LEU C 117 4.55 -11.20 17.07
C LEU C 117 5.71 -10.89 17.99
N ARG C 118 6.87 -11.45 17.65
CA ARG C 118 8.15 -11.07 18.23
C ARG C 118 9.01 -10.55 17.09
N ILE C 119 9.52 -9.34 17.23
CA ILE C 119 10.44 -8.76 16.27
C ILE C 119 11.84 -8.76 16.89
N HIS C 120 12.82 -9.26 16.14
CA HIS C 120 14.17 -9.44 16.64
C HIS C 120 14.86 -8.09 16.84
N LYS C 121 15.85 -8.10 17.73
CA LYS C 121 16.48 -6.87 18.19
C LYS C 121 17.02 -6.05 17.04
N SER C 122 17.54 -6.73 16.00
CA SER C 122 18.06 -6.02 14.85
C SER C 122 17.02 -5.13 14.19
N ARG C 123 15.72 -5.43 14.35
CA ARG C 123 14.69 -4.59 13.73
C ARG C 123 13.70 -4.00 14.75
N ALA C 124 14.07 -3.99 16.04
CA ALA C 124 13.18 -3.45 17.04
C ALA C 124 12.89 -1.98 16.79
N GLU C 125 13.91 -1.20 16.41
CA GLU C 125 13.67 0.22 16.16
C GLU C 125 12.66 0.41 15.03
N ASP C 126 12.75 -0.42 13.98
CA ASP C 126 11.80 -0.32 12.88
C ASP C 126 10.40 -0.71 13.31
N ALA C 127 10.27 -1.74 14.14
CA ALA C 127 8.96 -2.14 14.62
C ALA C 127 8.33 -1.04 15.45
N LEU C 128 9.10 -0.42 16.35
CA LEU C 128 8.61 0.70 17.15
C LEU C 128 8.01 1.80 16.28
N ARG C 129 8.65 2.11 15.16
CA ARG C 129 8.21 3.19 14.29
C ARG C 129 7.21 2.73 13.22
N TRP C 130 6.70 1.50 13.32
CA TRP C 130 5.82 0.92 12.32
C TRP C 130 4.46 0.68 12.91
N ARG C 131 3.43 1.07 12.17
CA ARG C 131 2.04 0.98 12.62
C ARG C 131 1.41 -0.23 11.93
N PHE C 132 1.64 -1.40 12.52
CA PHE C 132 0.99 -2.62 12.02
C PHE C 132 -0.51 -2.45 11.97
N HIS C 133 -1.08 -1.75 12.94
CA HIS C 133 -2.51 -1.74 13.14
C HIS C 133 -2.84 -0.72 14.22
N ALA C 134 -4.09 -0.24 14.19
CA ALA C 134 -4.50 0.86 15.05
C ALA C 134 -4.49 0.48 16.52
N THR C 135 -4.60 -0.81 16.83
CA THR C 135 -4.69 -1.29 18.21
C THR C 135 -3.40 -1.95 18.69
N GLN C 136 -2.25 -1.57 18.16
CA GLN C 136 -1.04 -2.31 18.46
C GLN C 136 -0.40 -1.80 19.75
N GLN C 137 0.13 -2.74 20.52
CA GLN C 137 1.00 -2.41 21.64
C GLN C 137 2.32 -3.13 21.45
N VAL C 138 3.41 -2.44 21.76
CA VAL C 138 4.75 -3.03 21.69
C VAL C 138 5.35 -2.99 23.09
N THR C 139 5.96 -4.10 23.49
CA THR C 139 6.57 -4.17 24.80
C THR C 139 8.02 -4.64 24.63
N PRO C 140 8.99 -3.93 25.21
CA PRO C 140 10.38 -4.32 25.04
C PRO C 140 10.71 -5.55 25.88
N GLU C 141 11.34 -6.54 25.26
CA GLU C 141 11.73 -7.76 25.94
C GLU C 141 13.19 -7.68 26.39
N ALA C 142 13.57 -8.63 27.25
CA ALA C 142 14.88 -8.57 27.89
C ALA C 142 16.01 -8.62 26.87
N ASP C 143 15.89 -9.50 25.87
CA ASP C 143 16.99 -9.70 24.93
C ASP C 143 17.06 -8.63 23.86
N GLY C 144 16.37 -7.51 24.03
CA GLY C 144 16.34 -6.46 23.02
C GLY C 144 15.33 -6.66 21.91
N SER C 145 14.73 -7.83 21.80
CA SER C 145 13.64 -8.02 20.87
C SER C 145 12.38 -7.35 21.42
N VAL C 146 11.37 -7.19 20.57
CA VAL C 146 10.14 -6.49 20.91
C VAL C 146 8.96 -7.40 20.62
N LEU C 147 7.98 -7.43 21.53
CA LEU C 147 6.73 -8.14 21.31
C LEU C 147 5.68 -7.17 20.78
N VAL C 148 5.01 -7.56 19.68
CA VAL C 148 3.98 -6.72 19.06
C VAL C 148 2.67 -7.49 19.03
N THR C 149 1.62 -6.87 19.55
CA THR C 149 0.30 -7.49 19.62
C THR C 149 -0.72 -6.52 19.07
N PHE C 150 -1.75 -7.07 18.42
CA PHE C 150 -2.93 -6.29 18.03
C PHE C 150 -4.05 -7.27 17.71
N ARG C 151 -5.27 -6.72 17.58
CA ARG C 151 -6.50 -7.46 17.29
C ARG C 151 -7.03 -7.05 15.93
N ALA C 152 -7.24 -8.02 15.05
CA ALA C 152 -7.57 -7.76 13.66
C ALA C 152 -7.86 -9.08 12.99
N GLY C 153 -8.68 -9.01 11.93
CA GLY C 153 -8.89 -10.13 11.05
C GLY C 153 -8.02 -10.03 9.81
N GLY C 154 -8.30 -10.89 8.83
CA GLY C 154 -7.54 -10.90 7.61
C GLY C 154 -6.10 -11.38 7.75
N MET C 155 -5.91 -12.62 8.17
CA MET C 155 -4.55 -13.04 8.36
C MET C 155 -3.86 -13.46 7.10
N ARG C 156 -4.61 -13.73 6.04
CA ARG C 156 -3.96 -13.93 4.76
C ARG C 156 -3.15 -12.70 4.39
N GLU C 157 -3.77 -11.52 4.48
CA GLU C 157 -3.06 -10.28 4.17
C GLU C 157 -1.97 -10.00 5.21
N LEU C 158 -2.21 -10.34 6.47
CA LEU C 158 -1.17 -10.17 7.48
C LEU C 158 0.06 -11.00 7.12
N SER C 159 -0.14 -12.27 6.74
CA SER C 159 1.05 -13.09 6.48
C SER C 159 1.76 -12.60 5.23
N TRP C 160 1.02 -11.96 4.30
CA TRP C 160 1.72 -11.41 3.14
C TRP C 160 2.61 -10.27 3.55
N HIS C 161 2.16 -9.47 4.51
CA HIS C 161 3.02 -8.39 4.99
C HIS C 161 4.22 -8.95 5.79
N LEU C 162 3.98 -9.95 6.64
CA LEU C 162 5.05 -10.43 7.51
C LEU C 162 6.26 -10.88 6.69
N PHE C 163 6.01 -11.49 5.52
CA PHE C 163 7.06 -11.88 4.59
C PHE C 163 8.00 -10.72 4.29
N THR C 164 7.51 -9.48 4.33
CA THR C 164 8.42 -8.36 4.06
C THR C 164 9.34 -8.08 5.24
N TRP C 165 9.17 -8.78 6.35
CA TRP C 165 10.03 -8.62 7.51
C TRP C 165 11.15 -9.69 7.54
N GLY C 166 11.30 -10.43 6.46
CA GLY C 166 12.34 -11.44 6.39
C GLY C 166 12.24 -12.41 7.53
N ASP C 167 13.40 -12.67 8.16
CA ASP C 167 13.50 -13.55 9.31
C ASP C 167 13.57 -12.81 10.63
N ALA C 168 13.27 -11.51 10.61
CA ALA C 168 13.25 -10.70 11.82
C ALA C 168 11.97 -10.87 12.62
N VAL C 169 11.01 -11.67 12.16
CA VAL C 169 9.70 -11.75 12.79
C VAL C 169 9.37 -13.18 13.10
N GLU C 170 8.84 -13.41 14.29
CA GLU C 170 8.41 -14.70 14.75
C GLU C 170 6.93 -14.62 15.07
N ILE C 171 6.17 -15.57 14.54
CA ILE C 171 4.74 -15.64 14.79
C ILE C 171 4.51 -16.52 16.02
N VAL C 172 4.09 -15.92 17.13
CA VAL C 172 3.79 -16.74 18.29
C VAL C 172 2.28 -17.00 18.45
N ALA C 173 1.43 -16.18 17.81
CA ALA C 173 0.00 -16.52 17.76
C ALA C 173 -0.70 -15.58 16.79
N PRO C 174 -1.87 -16.00 16.25
CA PRO C 174 -2.55 -17.30 16.42
C PRO C 174 -1.94 -18.43 15.60
N GLN C 175 -2.35 -19.69 15.84
CA GLN C 175 -1.80 -20.82 15.08
C GLN C 175 -2.10 -20.69 13.58
N VAL C 176 -3.30 -20.22 13.23
CA VAL C 176 -3.70 -20.09 11.83
C VAL C 176 -2.69 -19.23 11.08
N LEU C 177 -2.29 -18.12 11.68
CA LEU C 177 -1.35 -17.23 11.00
C LEU C 177 -0.04 -17.95 10.75
N LYS C 178 0.37 -18.79 11.72
CA LYS C 178 1.55 -19.64 11.53
C LYS C 178 1.36 -20.58 10.35
N ASP C 179 0.28 -21.37 10.37
CA ASP C 179 0.07 -22.34 9.30
C ASP C 179 0.06 -21.68 7.91
N MET C 180 -0.67 -20.59 7.77
CA MET C 180 -0.76 -19.94 6.48
C MET C 180 0.63 -19.53 6.01
N MET C 181 1.36 -18.87 6.91
CA MET C 181 2.67 -18.35 6.61
C MET C 181 3.57 -19.45 6.07
N VAL C 182 3.55 -20.60 6.73
CA VAL C 182 4.37 -21.72 6.31
C VAL C 182 3.89 -22.29 4.98
N GLN C 183 2.57 -22.42 4.81
CA GLN C 183 2.06 -23.00 3.58
C GLN C 183 2.36 -22.10 2.38
N GLU C 184 2.22 -20.78 2.56
CA GLU C 184 2.59 -19.85 1.50
C GLU C 184 4.07 -19.95 1.17
N LEU C 185 4.91 -20.01 2.21
CA LEU C 185 6.34 -20.09 1.93
C LEU C 185 6.67 -21.35 1.15
N ARG C 186 6.12 -22.50 1.55
CA ARG C 186 6.43 -23.73 0.82
C ARG C 186 6.01 -23.63 -0.64
N GLU C 187 4.78 -23.17 -0.87
CA GLU C 187 4.24 -23.09 -2.22
C GLU C 187 5.04 -22.12 -3.07
N ALA C 188 5.27 -20.89 -2.56
CA ALA C 188 6.07 -19.91 -3.30
C ALA C 188 7.48 -20.41 -3.50
N GLY C 189 8.06 -20.98 -2.43
CA GLY C 189 9.41 -21.52 -2.53
C GLY C 189 9.54 -22.63 -3.54
N ARG C 190 8.51 -23.48 -3.67
CA ARG C 190 8.56 -24.52 -4.70
C ARG C 190 8.40 -23.92 -6.10
N ALA C 191 7.46 -22.98 -6.25
CA ALA C 191 7.24 -22.36 -7.56
C ALA C 191 8.49 -21.67 -8.07
N HIS C 192 9.23 -20.98 -7.19
CA HIS C 192 10.39 -20.21 -7.59
C HIS C 192 11.72 -20.97 -7.43
N GLY C 193 11.67 -22.24 -7.04
CA GLY C 193 12.90 -23.01 -6.94
C GLY C 193 13.83 -22.58 -5.85
N ALA C 194 13.31 -22.27 -4.66
CA ALA C 194 14.18 -21.87 -3.57
C ALA C 194 14.66 -23.04 -2.72
N TRP C 195 13.96 -24.17 -2.80
CA TRP C 195 14.30 -25.36 -2.03
C TRP C 195 13.76 -26.60 -2.72
S SO4 D . -2.94 -22.40 -13.20
O1 SO4 D . -3.48 -23.52 -12.43
O2 SO4 D . -1.87 -22.87 -14.07
O3 SO4 D . -4.00 -21.80 -13.99
O4 SO4 D . -2.41 -21.41 -12.25
S SO4 E . 22.24 14.75 -0.29
O1 SO4 E . 22.38 13.37 -0.74
O2 SO4 E . 23.46 15.19 0.37
O3 SO4 E . 22.00 15.61 -1.45
O4 SO4 E . 21.11 14.84 0.64
S SO4 F . 9.09 -2.97 6.22
O1 SO4 F . 9.26 -1.86 7.16
O2 SO4 F . 10.26 -3.85 6.29
O3 SO4 F . 8.96 -2.45 4.86
O4 SO4 F . 7.88 -3.73 6.55
#